data_7HFD
#
_entry.id   7HFD
#
_cell.length_a   88.782
_cell.length_b   88.782
_cell.length_c   39.611
_cell.angle_alpha   90.000
_cell.angle_beta   90.000
_cell.angle_gamma   90.000
#
_symmetry.space_group_name_H-M   'P 43'
#
loop_
_entity.id
_entity.type
_entity.pdbx_description
1 polymer 'Non-structural protein 3'
2 non-polymer 2-[(1S,3aR,7aS)-2-(7H-pyrrolo[2,3-d]pyrimidin-4-yl)octahydro-1H-isoindol-1-yl]propan-2-ol
3 non-polymer 2-[(1S,3aS,7aR)-2-(7H-pyrrolo[2,3-d]pyrimidin-4-yl)octahydro-1H-isoindol-1-yl]propan-2-ol
4 water water
#
_entity_poly.entity_id   1
_entity_poly.type   'polypeptide(L)'
_entity_poly.pdbx_seq_one_letter_code
;SMVNSFSGYLKLTDNVYIKNADIVEEAKKVKPTVVVNAANVYLKHGGGVAGALNKATNNAMQVESDDYIATNGPLKVGGS
CVLSGHNLAKHCLHVVGPNVNKGEDIQLLKSAYENFNQHEVLLAPLLSAGIFGADPIHSLRVCVDTVRTNVYLAVFDKNL
YDKLVSSFL
;
_entity_poly.pdbx_strand_id   A,B
#
# COMPACT_ATOMS: atom_id res chain seq x y z
N VAL A 3 15.18 -19.28 3.54
N VAL A 3 15.33 -19.38 3.62
CA VAL A 3 15.71 -19.11 4.88
CA VAL A 3 15.88 -19.17 4.95
C VAL A 3 16.22 -17.69 5.07
C VAL A 3 16.33 -17.72 5.12
N ASN A 4 15.89 -17.09 6.22
CA ASN A 4 16.32 -15.75 6.57
C ASN A 4 16.87 -15.75 8.00
N SER A 5 17.39 -14.60 8.42
N SER A 5 17.38 -14.59 8.42
CA SER A 5 18.11 -14.47 9.68
CA SER A 5 18.11 -14.46 9.67
C SER A 5 17.24 -14.00 10.84
C SER A 5 17.24 -14.00 10.83
N PHE A 6 15.92 -13.89 10.64
CA PHE A 6 15.04 -13.53 11.75
C PHE A 6 14.99 -14.70 12.74
N SER A 7 15.14 -14.40 14.02
N SER A 7 15.12 -14.39 14.03
CA SER A 7 15.30 -15.42 15.04
CA SER A 7 15.32 -15.41 15.05
C SER A 7 14.30 -15.23 16.17
C SER A 7 14.32 -15.24 16.19
N GLY A 8 13.76 -16.36 16.65
CA GLY A 8 12.91 -16.34 17.82
C GLY A 8 11.49 -15.90 17.61
N TYR A 9 11.02 -15.86 16.36
CA TYR A 9 9.66 -15.46 16.09
C TYR A 9 8.70 -16.63 16.27
N LEU A 10 7.49 -16.30 16.71
CA LEU A 10 6.38 -17.24 16.70
C LEU A 10 5.68 -17.14 15.35
N LYS A 11 5.39 -18.28 14.74
CA LYS A 11 4.71 -18.31 13.45
C LYS A 11 3.21 -18.22 13.69
N LEU A 12 2.56 -17.22 13.10
CA LEU A 12 1.11 -17.09 13.22
C LEU A 12 0.38 -17.72 12.05
N THR A 13 0.88 -17.52 10.84
CA THR A 13 0.27 -18.04 9.62
C THR A 13 1.38 -18.44 8.67
N ASP A 14 0.99 -18.80 7.45
CA ASP A 14 1.98 -19.14 6.44
C ASP A 14 3.02 -18.05 6.27
N ASN A 15 2.61 -16.78 6.40
CA ASN A 15 3.48 -15.66 6.05
C ASN A 15 3.68 -14.61 7.14
N VAL A 16 3.04 -14.74 8.29
CA VAL A 16 3.13 -13.75 9.36
C VAL A 16 3.77 -14.36 10.59
N TYR A 17 4.77 -13.65 11.12
CA TYR A 17 5.54 -14.05 12.29
C TYR A 17 5.55 -12.90 13.29
N ILE A 18 5.69 -13.21 14.58
CA ILE A 18 5.60 -12.18 15.63
C ILE A 18 6.59 -12.46 16.74
N LYS A 19 7.10 -11.38 17.35
CA LYS A 19 8.07 -11.47 18.43
C LYS A 19 7.92 -10.28 19.35
N ASN A 20 8.16 -10.50 20.64
N ASN A 20 8.16 -10.50 20.64
CA ASN A 20 8.30 -9.42 21.60
CA ASN A 20 8.21 -9.41 21.61
C ASN A 20 9.70 -8.86 21.43
C ASN A 20 9.59 -8.77 21.52
N ALA A 21 9.80 -7.66 20.85
N ALA A 21 9.68 -7.67 20.79
CA ALA A 21 11.11 -7.10 20.55
CA ALA A 21 10.97 -7.03 20.58
C ALA A 21 10.98 -5.63 20.25
C ALA A 21 10.76 -5.60 20.13
N ASP A 22 12.07 -4.90 20.50
N ASP A 22 11.79 -4.78 20.35
CA ASP A 22 12.20 -3.51 20.09
CA ASP A 22 11.87 -3.43 19.84
C ASP A 22 12.62 -3.49 18.63
C ASP A 22 12.30 -3.49 18.37
N ILE A 23 11.77 -2.93 17.77
N ILE A 23 11.50 -2.90 17.47
CA ILE A 23 12.04 -2.91 16.34
CA ILE A 23 11.82 -2.94 16.05
C ILE A 23 13.38 -2.25 16.03
C ILE A 23 13.20 -2.34 15.79
N VAL A 24 13.79 -1.28 16.86
N VAL A 24 13.60 -1.35 16.58
CA VAL A 24 15.08 -0.64 16.66
CA VAL A 24 14.91 -0.74 16.40
C VAL A 24 16.21 -1.63 16.84
C VAL A 24 16.01 -1.75 16.68
N GLU A 25 16.20 -2.37 17.95
N GLU A 25 15.85 -2.55 17.74
CA GLU A 25 17.24 -3.35 18.20
CA GLU A 25 16.85 -3.56 18.07
C GLU A 25 17.16 -4.52 17.24
C GLU A 25 16.83 -4.71 17.07
N GLU A 26 15.95 -4.89 16.82
N GLU A 26 15.64 -5.13 16.64
CA GLU A 26 15.80 -5.94 15.81
CA GLU A 26 15.56 -6.12 15.57
C GLU A 26 16.45 -5.52 14.50
C GLU A 26 16.26 -5.63 14.32
N ALA A 27 16.10 -4.34 13.99
CA ALA A 27 16.70 -3.84 12.76
C ALA A 27 18.22 -3.79 12.86
N LYS A 28 18.75 -3.28 13.96
N LYS A 28 18.74 -3.29 13.98
CA LYS A 28 20.21 -3.19 14.09
CA LYS A 28 20.19 -3.23 14.17
C LYS A 28 20.86 -4.57 14.06
C LYS A 28 20.81 -4.61 14.03
N LYS A 29 20.19 -5.60 14.56
N LYS A 29 20.15 -5.64 14.56
CA LYS A 29 20.75 -6.94 14.54
CA LYS A 29 20.73 -6.98 14.57
C LYS A 29 20.61 -7.60 13.18
C LYS A 29 20.58 -7.66 13.22
N VAL A 30 19.39 -7.57 12.62
CA VAL A 30 19.13 -8.29 11.38
C VAL A 30 19.61 -7.52 10.14
N LYS A 31 19.55 -6.20 10.17
CA LYS A 31 19.77 -5.37 8.99
C LYS A 31 18.90 -5.84 7.82
N PRO A 32 17.59 -5.85 7.98
CA PRO A 32 16.71 -6.41 6.95
C PRO A 32 16.72 -5.55 5.70
N THR A 33 16.24 -6.15 4.61
CA THR A 33 16.06 -5.39 3.38
C THR A 33 15.11 -4.22 3.57
N VAL A 34 14.02 -4.44 4.30
CA VAL A 34 13.00 -3.42 4.52
C VAL A 34 12.59 -3.40 5.99
N VAL A 35 12.71 -2.23 6.63
CA VAL A 35 12.06 -1.98 7.90
C VAL A 35 10.92 -1.01 7.65
N VAL A 36 9.77 -1.29 8.25
CA VAL A 36 8.60 -0.43 8.14
C VAL A 36 8.58 0.59 9.27
N ASN A 37 8.42 1.85 8.92
N ASN A 37 8.38 1.85 8.92
CA ASN A 37 8.23 2.92 9.88
CA ASN A 37 8.08 2.89 9.89
C ASN A 37 6.75 3.22 10.02
C ASN A 37 6.58 3.18 9.94
N ALA A 38 6.33 3.48 11.26
N ALA A 38 6.07 3.33 11.16
CA ALA A 38 4.98 3.95 11.56
CA ALA A 38 4.70 3.77 11.41
C ALA A 38 4.97 5.46 11.37
C ALA A 38 4.68 5.30 11.36
N ALA A 39 4.76 5.89 10.13
N ALA A 39 4.59 5.81 10.14
CA ALA A 39 4.94 7.26 9.70
CA ALA A 39 4.78 7.23 9.88
C ALA A 39 3.64 8.06 9.77
C ALA A 39 3.46 7.99 9.97
N ASN A 40 3.78 9.38 9.76
N ASN A 40 3.57 9.32 9.98
CA ASN A 40 2.68 10.30 9.47
CA ASN A 40 2.45 10.22 9.72
C ASN A 40 2.91 10.95 8.11
C ASN A 40 2.65 10.88 8.36
N VAL A 41 1.89 11.65 7.62
N VAL A 41 1.60 11.57 7.90
CA VAL A 41 1.93 12.15 6.24
CA VAL A 41 1.61 12.11 6.53
C VAL A 41 3.06 13.14 6.01
C VAL A 41 2.70 13.14 6.30
N TYR A 42 3.49 13.84 7.05
N TYR A 42 3.19 13.76 7.37
CA TYR A 42 4.56 14.84 6.94
CA TYR A 42 4.23 14.79 7.27
C TYR A 42 5.93 14.25 7.20
C TYR A 42 5.63 14.22 7.42
N LEU A 43 6.01 12.96 7.52
N LEU A 43 5.76 12.92 7.63
CA LEU A 43 7.27 12.30 7.87
CA LEU A 43 7.04 12.28 7.96
C LEU A 43 8.00 13.02 9.00
C LEU A 43 7.76 13.04 9.07
N LYS A 44 7.23 13.54 9.95
N LYS A 44 7.00 13.45 10.08
CA LYS A 44 7.79 14.15 11.16
CA LYS A 44 7.55 14.06 11.29
C LYS A 44 7.88 13.04 12.21
C LYS A 44 7.73 12.95 12.32
N HIS A 45 9.11 12.57 12.45
N HIS A 45 8.98 12.51 12.49
CA HIS A 45 9.32 11.35 13.21
CA HIS A 45 9.29 11.31 13.28
C HIS A 45 9.59 11.69 14.69
C HIS A 45 9.55 11.73 14.73
N GLY A 46 8.55 12.23 15.32
N GLY A 46 8.46 11.93 15.47
CA GLY A 46 8.70 12.82 16.64
CA GLY A 46 8.60 12.50 16.80
C GLY A 46 8.59 11.87 17.82
C GLY A 46 8.69 11.48 17.93
N GLY A 47 7.83 10.78 17.67
N GLY A 47 7.89 10.43 17.85
CA GLY A 47 7.55 9.89 18.77
CA GLY A 47 7.79 9.48 18.96
C GLY A 47 7.12 8.53 18.25
C GLY A 47 7.37 8.12 18.46
N GLY A 48 6.79 7.65 19.19
N GLY A 48 7.18 7.20 19.40
CA GLY A 48 6.42 6.29 18.85
CA GLY A 48 6.82 5.84 19.04
C GLY A 48 7.54 5.55 18.14
C GLY A 48 7.89 5.20 18.17
N VAL A 49 7.14 4.58 17.32
N VAL A 49 7.45 4.38 17.21
CA VAL A 49 8.09 3.84 16.50
CA VAL A 49 8.38 3.73 16.29
C VAL A 49 8.91 4.80 15.65
C VAL A 49 9.19 4.77 15.53
N ALA A 50 8.26 5.79 15.04
N ALA A 50 8.52 5.79 14.98
CA ALA A 50 8.96 6.71 14.15
CA ALA A 50 9.21 6.73 14.10
C ALA A 50 10.02 7.51 14.89
C ALA A 50 10.29 7.49 14.86
N GLY A 51 9.69 8.01 16.08
N GLY A 51 9.95 8.02 16.03
CA GLY A 51 10.66 8.77 16.85
CA GLY A 51 10.94 8.74 16.81
C GLY A 51 11.87 7.93 17.25
C GLY A 51 12.09 7.84 17.21
N ALA A 52 11.63 6.64 17.57
N ALA A 52 11.79 6.58 17.52
CA ALA A 52 12.73 5.77 17.98
CA ALA A 52 12.83 5.64 17.93
C ALA A 52 13.60 5.39 16.79
C ALA A 52 13.74 5.27 16.75
N LEU A 53 13.00 5.03 15.65
N LEU A 53 13.14 4.97 15.59
CA LEU A 53 13.80 4.68 14.48
CA LEU A 53 13.95 4.72 14.40
C LEU A 53 14.67 5.85 14.04
C LEU A 53 14.79 5.95 14.06
N ASN A 54 14.11 7.06 14.10
N ASN A 54 14.15 7.12 14.02
CA ASN A 54 14.88 8.21 13.65
CA ASN A 54 14.90 8.32 13.64
C ASN A 54 16.04 8.52 14.59
C ASN A 54 16.05 8.58 14.60
N LYS A 55 15.80 8.44 15.90
CA LYS A 55 16.87 8.64 16.87
C LYS A 55 18.03 7.69 16.61
N ALA A 56 17.72 6.43 16.27
CA ALA A 56 18.76 5.44 16.00
C ALA A 56 19.57 5.78 14.76
N THR A 57 19.03 6.57 13.83
CA THR A 57 19.77 7.06 12.66
C THR A 57 20.48 8.38 12.92
N ASN A 58 20.48 8.87 14.16
CA ASN A 58 21.14 10.13 14.49
C ASN A 58 20.51 11.29 13.72
N ASN A 59 19.20 11.23 13.49
CA ASN A 59 18.39 12.24 12.80
C ASN A 59 18.55 12.21 11.27
N ALA A 60 19.34 11.29 10.71
CA ALA A 60 19.49 11.26 9.26
C ALA A 60 18.16 10.93 8.58
N MET A 61 17.34 10.08 9.20
CA MET A 61 16.03 9.77 8.64
C MET A 61 15.18 11.02 8.53
N GLN A 62 15.20 11.88 9.55
CA GLN A 62 14.43 13.11 9.51
C GLN A 62 14.94 14.06 8.42
N VAL A 63 16.26 14.21 8.31
CA VAL A 63 16.83 15.10 7.28
C VAL A 63 16.40 14.64 5.89
N GLU A 64 16.51 13.32 5.63
CA GLU A 64 16.08 12.78 4.34
C GLU A 64 14.59 13.00 4.13
N SER A 65 13.81 12.79 5.18
CA SER A 65 12.36 12.92 5.08
C SER A 65 11.95 14.35 4.77
N ASP A 66 12.62 15.32 5.38
CA ASP A 66 12.26 16.73 5.15
C ASP A 66 12.49 17.10 3.69
N ASP A 67 13.57 16.60 3.10
CA ASP A 67 13.79 16.81 1.67
C ASP A 67 12.71 16.12 0.84
N TYR A 68 12.30 14.91 1.23
N TYR A 68 12.32 14.89 1.23
CA TYR A 68 11.26 14.21 0.49
CA TYR A 68 11.24 14.20 0.50
C TYR A 68 9.95 15.00 0.50
C TYR A 68 9.98 15.05 0.49
N ILE A 69 9.58 15.55 1.66
CA ILE A 69 8.34 16.33 1.75
C ILE A 69 8.44 17.64 0.98
N ALA A 70 9.60 18.29 1.06
CA ALA A 70 9.77 19.55 0.33
C ALA A 70 9.58 19.33 -1.18
N THR A 71 9.98 18.16 -1.68
CA THR A 71 9.86 17.88 -3.11
C THR A 71 8.46 17.39 -3.47
N ASN A 72 7.89 16.50 -2.66
CA ASN A 72 6.72 15.72 -3.05
C ASN A 72 5.44 16.07 -2.32
N GLY A 73 5.52 16.81 -1.22
CA GLY A 73 4.35 17.05 -0.39
C GLY A 73 4.03 15.85 0.47
N PRO A 74 3.02 16.00 1.33
CA PRO A 74 2.67 14.95 2.28
C PRO A 74 2.19 13.66 1.60
N LEU A 75 2.38 12.56 2.34
CA LEU A 75 1.77 11.29 1.94
C LEU A 75 0.27 11.34 2.15
N LYS A 76 -0.41 10.34 1.60
CA LYS A 76 -1.82 10.07 1.89
C LYS A 76 -1.91 9.18 3.12
N VAL A 77 -2.97 9.36 3.92
CA VAL A 77 -3.29 8.34 4.92
C VAL A 77 -3.63 7.05 4.18
N GLY A 78 -2.96 5.96 4.57
CA GLY A 78 -3.04 4.71 3.84
C GLY A 78 -1.91 4.52 2.85
N GLY A 79 -1.11 5.57 2.61
CA GLY A 79 -0.05 5.51 1.63
C GLY A 79 1.32 5.26 2.24
N SER A 80 2.33 5.31 1.37
CA SER A 80 3.68 4.98 1.78
C SER A 80 4.69 5.60 0.83
N CYS A 81 5.95 5.62 1.27
CA CYS A 81 7.07 5.89 0.37
C CYS A 81 8.27 5.06 0.83
N VAL A 82 9.15 4.75 -0.11
CA VAL A 82 10.39 4.04 0.17
C VAL A 82 11.52 5.04 0.25
N LEU A 83 12.20 5.07 1.38
CA LEU A 83 13.39 5.89 1.58
C LEU A 83 14.51 5.00 2.09
N SER A 84 15.64 5.61 2.39
CA SER A 84 16.78 4.85 2.88
C SER A 84 16.49 4.22 4.24
N GLY A 85 17.08 3.06 4.50
CA GLY A 85 17.10 2.49 5.83
C GLY A 85 18.26 2.91 6.67
N HIS A 86 19.15 3.74 6.13
CA HIS A 86 20.27 4.32 6.89
C HIS A 86 21.08 3.17 7.49
N ASN A 87 21.43 3.23 8.76
CA ASN A 87 22.22 2.22 9.42
C ASN A 87 21.39 1.04 9.92
N LEU A 88 20.08 1.04 9.66
N LEU A 88 20.07 1.03 9.66
CA LEU A 88 19.17 0.04 10.23
CA LEU A 88 19.18 0.03 10.24
C LEU A 88 18.77 -1.04 9.26
C LEU A 88 18.69 -1.02 9.27
N ALA A 89 18.68 -0.73 7.97
CA ALA A 89 18.11 -1.62 6.96
C ALA A 89 18.55 -1.07 5.62
N LYS A 90 18.35 -1.84 4.56
CA LYS A 90 18.60 -1.30 3.24
C LYS A 90 17.63 -0.15 2.94
N HIS A 91 16.34 -0.40 3.14
CA HIS A 91 15.29 0.57 2.87
C HIS A 91 14.39 0.70 4.08
N CYS A 92 13.77 1.86 4.21
CA CYS A 92 12.67 2.07 5.13
C CYS A 92 11.41 2.36 4.33
N LEU A 93 10.39 1.53 4.53
CA LEU A 93 9.07 1.77 3.98
C LEU A 93 8.27 2.55 5.02
N HIS A 94 8.06 3.84 4.75
CA HIS A 94 7.28 4.69 5.64
C HIS A 94 5.82 4.51 5.27
N VAL A 95 5.03 3.97 6.18
CA VAL A 95 3.62 3.66 5.92
C VAL A 95 2.77 4.45 6.89
N VAL A 96 1.73 5.11 6.37
N VAL A 96 1.73 5.11 6.38
CA VAL A 96 0.84 5.95 7.18
CA VAL A 96 0.81 5.89 7.21
C VAL A 96 -0.42 5.15 7.51
C VAL A 96 -0.48 5.11 7.39
N GLY A 97 -0.46 4.59 8.71
N GLY A 97 -0.70 4.61 8.60
CA GLY A 97 -1.70 4.06 9.23
CA GLY A 97 -2.00 4.09 8.98
C GLY A 97 -2.55 5.21 9.76
C GLY A 97 -2.90 5.21 9.47
N PRO A 98 -3.87 5.02 9.80
N PRO A 98 -4.21 5.00 9.46
CA PRO A 98 -4.73 6.06 10.38
CA PRO A 98 -5.12 6.04 9.98
C PRO A 98 -4.43 6.27 11.86
C PRO A 98 -4.93 6.26 11.47
N ASN A 99 -4.47 7.53 12.27
N ASN A 99 -5.08 7.52 11.87
CA ASN A 99 -4.29 7.91 13.67
CA ASN A 99 -5.02 7.92 13.27
C ASN A 99 -5.66 8.20 14.26
C ASN A 99 -6.46 8.19 13.72
N VAL A 100 -6.17 7.27 15.08
N VAL A 100 -7.01 7.27 14.51
CA VAL A 100 -7.49 7.41 15.69
CA VAL A 100 -8.40 7.42 14.94
C VAL A 100 -7.57 8.68 16.53
C VAL A 100 -8.58 8.60 15.89
N ASN A 101 -6.45 9.08 17.12
N ASN A 101 -7.50 9.08 16.53
CA ASN A 101 -6.43 10.30 17.93
CA ASN A 101 -7.60 10.32 17.30
C ASN A 101 -6.49 11.56 17.08
C ASN A 101 -7.82 11.53 16.41
N LYS A 102 -6.49 11.44 15.76
N LYS A 102 -7.45 11.46 15.14
CA LYS A 102 -6.79 12.53 14.85
CA LYS A 102 -7.66 12.52 14.17
C LYS A 102 -8.16 12.40 14.19
C LYS A 102 -8.97 12.38 13.40
N GLY A 103 -8.92 11.37 14.54
N GLY A 103 -9.80 11.39 13.73
CA GLY A 103 -10.21 11.14 13.92
CA GLY A 103 -11.01 11.16 12.96
C GLY A 103 -10.16 10.49 12.57
C GLY A 103 -10.81 10.42 11.67
N GLU A 104 -9.03 9.87 12.21
N GLU A 104 -9.65 9.79 11.47
CA GLU A 104 -8.86 9.31 10.88
CA GLU A 104 -9.37 9.14 10.20
C GLU A 104 -9.54 7.95 10.78
C GLU A 104 -9.98 7.73 10.18
N ASP A 105 -10.06 7.67 9.58
N ASP A 105 -10.39 7.32 8.98
CA ASP A 105 -10.87 6.48 9.34
CA ASP A 105 -11.21 6.12 8.80
C ASP A 105 -10.04 5.22 9.56
C ASP A 105 -10.39 4.86 9.04
N ILE A 106 -10.52 4.34 10.46
N ILE A 106 -10.87 4.01 9.97
CA ILE A 106 -9.82 3.10 10.72
CA ILE A 106 -10.18 2.77 10.29
C ILE A 106 -9.88 2.15 9.52
C ILE A 106 -10.05 1.87 9.08
N GLN A 107 -10.86 2.34 8.64
N GLN A 107 -10.98 1.99 8.12
CA GLN A 107 -10.95 1.50 7.44
CA GLN A 107 -10.90 1.15 6.92
C GLN A 107 -9.73 1.63 6.56
C GLN A 107 -9.59 1.39 6.17
N LEU A 108 -8.99 2.75 6.66
N LEU A 108 -9.02 2.58 6.33
CA LEU A 108 -7.80 2.94 5.84
CA LEU A 108 -7.73 2.89 5.72
C LEU A 108 -6.64 2.06 6.28
C LEU A 108 -6.60 2.04 6.28
N LEU A 109 -6.80 1.33 7.38
CA LEU A 109 -5.73 0.44 7.86
C LEU A 109 -5.44 -0.66 6.85
N LYS A 110 -6.47 -1.19 6.20
CA LYS A 110 -6.24 -2.22 5.19
C LYS A 110 -5.41 -1.65 4.04
N SER A 111 -5.77 -0.46 3.56
CA SER A 111 -4.98 0.18 2.51
C SER A 111 -3.52 0.36 2.94
N ALA A 112 -3.30 0.74 4.19
CA ALA A 112 -1.93 0.90 4.69
C ALA A 112 -1.16 -0.41 4.60
N TYR A 113 -1.77 -1.52 5.06
CA TYR A 113 -1.06 -2.80 5.02
C TYR A 113 -0.84 -3.29 3.58
N GLU A 114 -1.69 -2.89 2.64
CA GLU A 114 -1.48 -3.32 1.26
C GLU A 114 -0.10 -2.89 0.73
N ASN A 115 0.44 -1.80 1.25
CA ASN A 115 1.77 -1.37 0.82
C ASN A 115 2.82 -2.46 1.08
N PHE A 116 2.61 -3.28 2.11
CA PHE A 116 3.60 -4.32 2.43
C PHE A 116 3.74 -5.32 1.30
N ASN A 117 2.68 -5.50 0.49
CA ASN A 117 2.70 -6.54 -0.55
C ASN A 117 3.64 -6.22 -1.69
N GLN A 118 4.18 -5.00 -1.73
CA GLN A 118 5.17 -4.63 -2.73
C GLN A 118 6.58 -5.06 -2.34
N HIS A 119 6.74 -5.76 -1.22
CA HIS A 119 8.04 -6.17 -0.69
C HIS A 119 7.97 -7.61 -0.22
N GLU A 120 8.94 -8.42 -0.66
CA GLU A 120 8.87 -9.85 -0.41
C GLU A 120 9.01 -10.20 1.08
N VAL A 121 9.82 -9.44 1.82
CA VAL A 121 10.07 -9.68 3.24
C VAL A 121 10.20 -8.33 3.93
N LEU A 122 9.57 -8.19 5.09
CA LEU A 122 9.63 -6.94 5.85
C LEU A 122 9.68 -7.20 7.34
N LEU A 123 10.39 -6.32 8.04
CA LEU A 123 10.31 -6.19 9.50
C LEU A 123 9.39 -5.00 9.79
N ALA A 124 8.40 -5.18 10.64
CA ALA A 124 7.36 -4.16 10.77
C ALA A 124 6.77 -4.10 12.16
N PRO A 125 6.22 -2.94 12.54
N PRO A 125 6.24 -2.92 12.56
CA PRO A 125 5.36 -2.85 13.71
CA PRO A 125 5.45 -2.84 13.79
C PRO A 125 3.92 -3.04 13.28
C PRO A 125 3.97 -2.99 13.46
N LEU A 126 3.04 -3.23 14.25
N LEU A 126 3.08 -2.88 14.44
CA LEU A 126 1.62 -3.17 13.98
CA LEU A 126 1.64 -2.95 14.18
C LEU A 126 1.23 -1.73 13.70
C LEU A 126 1.08 -1.55 13.94
N LEU A 127 0.66 -1.50 12.52
N LEU A 127 0.43 -1.35 12.79
CA LEU A 127 0.25 -0.16 12.12
CA LEU A 127 -0.02 -0.02 12.39
C LEU A 127 -0.94 0.31 12.94
C LEU A 127 -1.43 0.27 12.95
N SER A 128 -0.96 1.62 13.20
N SER A 128 -1.67 1.54 13.29
CA SER A 128 -2.02 2.34 13.89
CA SER A 128 -2.95 1.98 13.84
C SER A 128 -2.13 1.98 15.38
C SER A 128 -3.39 1.12 15.01
N ALA A 129 -1.27 1.11 15.90
N ALA A 129 -2.42 0.69 15.82
CA ALA A 129 -1.22 0.79 17.31
CA ALA A 129 -2.68 -0.26 16.90
C ALA A 129 -0.44 1.86 18.08
C ALA A 129 -2.63 0.38 18.29
N GLY A 130 -0.29 1.65 19.38
N GLY A 130 -1.57 1.12 18.62
CA GLY A 130 0.46 2.61 20.18
CA GLY A 130 -1.40 1.54 19.99
C GLY A 130 -0.19 3.98 20.12
C GLY A 130 -1.16 0.33 20.88
N ILE A 131 0.64 5.01 19.91
N ILE A 131 -1.69 0.39 22.10
CA ILE A 131 0.17 6.39 19.95
CA ILE A 131 -1.55 -0.76 23.00
C ILE A 131 -0.76 6.76 18.81
C ILE A 131 -2.84 -1.06 23.76
N PHE A 132 -0.92 5.89 17.80
N PHE A 132 -3.67 -0.03 23.95
CA PHE A 132 -1.92 6.13 16.77
CA PHE A 132 -4.85 -0.16 24.79
C PHE A 132 -3.33 5.74 17.20
C PHE A 132 -6.06 -0.48 23.93
N GLY A 133 -3.50 5.07 18.34
N GLY A 133 -6.95 -1.31 24.48
CA GLY A 133 -4.78 4.98 18.99
CA GLY A 133 -8.19 -1.63 23.81
C GLY A 133 -5.67 3.81 18.61
C GLY A 133 -8.07 -2.77 22.82
N ALA A 134 -5.27 2.97 17.66
N ALA A 134 -9.08 -2.84 21.95
CA ALA A 134 -6.13 1.85 17.27
CA ALA A 134 -9.12 -3.84 20.90
C ALA A 134 -5.87 0.64 18.16
C ALA A 134 -8.42 -3.39 19.63
N ASP A 135 -6.81 -0.31 18.11
N ASP A 135 -7.94 -2.14 19.57
CA ASP A 135 -6.71 -1.55 18.88
CA ASP A 135 -7.24 -1.65 18.40
C ASP A 135 -5.66 -2.46 18.25
C ASP A 135 -6.06 -2.53 17.98
N PRO A 136 -4.58 -2.82 18.96
N PRO A 136 -5.16 -2.95 18.88
CA PRO A 136 -3.55 -3.67 18.34
CA PRO A 136 -4.06 -3.81 18.43
C PRO A 136 -4.05 -5.04 17.93
C PRO A 136 -4.53 -5.15 17.91
N ILE A 137 -5.06 -5.58 18.60
N ILE A 137 -5.49 -5.77 18.60
CA ILE A 137 -5.62 -6.87 18.21
CA ILE A 137 -6.07 -7.01 18.10
C ILE A 137 -6.24 -6.77 16.82
C ILE A 137 -6.58 -6.82 16.69
N HIS A 138 -7.01 -5.71 16.58
N HIS A 138 -7.25 -5.69 16.44
CA HIS A 138 -7.62 -5.50 15.27
CA HIS A 138 -7.73 -5.41 15.09
C HIS A 138 -6.55 -5.31 14.20
C HIS A 138 -6.58 -5.23 14.11
N SER A 139 -5.52 -4.52 14.50
CA SER A 139 -4.43 -4.30 13.57
C SER A 139 -3.77 -5.62 13.15
N LEU A 140 -3.54 -6.52 14.11
CA LEU A 140 -2.95 -7.81 13.77
C LEU A 140 -3.87 -8.59 12.82
N ARG A 141 -5.18 -8.55 13.08
N ARG A 141 -5.18 -8.56 13.08
CA ARG A 141 -6.15 -9.24 12.24
CA ARG A 141 -6.13 -9.26 12.22
C ARG A 141 -6.08 -8.70 10.81
C ARG A 141 -6.07 -8.71 10.80
N VAL A 142 -6.12 -7.38 10.65
CA VAL A 142 -6.03 -6.78 9.33
C VAL A 142 -4.72 -7.15 8.65
N CYS A 143 -3.62 -7.12 9.40
CA CYS A 143 -2.33 -7.50 8.83
C CYS A 143 -2.39 -8.91 8.25
N VAL A 144 -2.86 -9.87 9.05
CA VAL A 144 -2.89 -11.26 8.63
C VAL A 144 -3.79 -11.43 7.42
N ASP A 145 -4.89 -10.69 7.35
CA ASP A 145 -5.86 -10.82 6.27
C ASP A 145 -5.54 -9.97 5.06
N THR A 146 -4.46 -9.20 5.08
CA THR A 146 -4.12 -8.29 4.00
C THR A 146 -2.75 -8.54 3.41
N VAL A 147 -1.75 -8.75 4.26
CA VAL A 147 -0.38 -8.95 3.79
C VAL A 147 -0.22 -10.40 3.36
N ARG A 148 0.31 -10.57 2.15
CA ARG A 148 0.61 -11.88 1.58
C ARG A 148 2.08 -12.17 1.50
N THR A 149 2.93 -11.16 1.59
CA THR A 149 4.37 -11.32 1.63
C THR A 149 4.78 -11.66 3.07
N ASN A 150 6.06 -11.92 3.28
CA ASN A 150 6.54 -12.43 4.56
C ASN A 150 6.84 -11.28 5.51
N VAL A 151 6.07 -11.19 6.59
CA VAL A 151 6.17 -10.07 7.51
C VAL A 151 6.53 -10.59 8.90
N TYR A 152 7.55 -9.94 9.47
CA TYR A 152 8.07 -10.20 10.80
C TYR A 152 7.69 -9.03 11.68
N LEU A 153 6.73 -9.26 12.58
CA LEU A 153 6.19 -8.20 13.42
C LEU A 153 6.94 -8.15 14.75
N ALA A 154 7.42 -6.95 15.10
N ALA A 154 7.53 -6.99 15.05
CA ALA A 154 8.05 -6.68 16.39
CA ALA A 154 8.22 -6.74 16.30
C ALA A 154 7.05 -5.92 17.26
C ALA A 154 7.30 -5.87 17.17
N VAL A 155 6.67 -6.53 18.39
N VAL A 155 6.93 -6.38 18.34
CA VAL A 155 5.74 -5.95 19.35
CA VAL A 155 5.94 -5.76 19.21
C VAL A 155 6.55 -5.58 20.58
C VAL A 155 6.64 -5.38 20.52
N PHE A 156 6.68 -4.27 20.83
N PHE A 156 6.68 -4.08 20.80
CA PHE A 156 7.59 -3.79 21.87
CA PHE A 156 7.44 -3.46 21.89
C PHE A 156 7.11 -4.09 23.27
C PHE A 156 6.67 -3.48 23.21
N ASP A 157 5.79 -4.15 23.49
N ASP A 157 6.08 -4.63 23.56
CA ASP A 157 5.23 -4.32 24.83
CA ASP A 157 5.28 -4.68 24.78
C ASP A 157 4.96 -5.81 25.08
C ASP A 157 5.11 -6.15 25.14
N LYS A 158 5.61 -6.37 26.12
N LYS A 158 5.68 -6.55 26.29
CA LYS A 158 5.50 -7.80 26.37
CA LYS A 158 5.62 -7.94 26.69
C LYS A 158 4.07 -8.19 26.76
C LYS A 158 4.19 -8.40 26.91
N ASN A 159 3.42 -7.38 27.61
N ASN A 159 3.37 -7.59 27.58
CA ASN A 159 2.05 -7.68 27.99
CA ASN A 159 1.98 -7.95 27.81
C ASN A 159 1.12 -7.68 26.78
C ASN A 159 1.21 -8.01 26.49
N LEU A 160 1.33 -6.74 25.86
N LEU A 160 1.43 -7.03 25.61
CA LEU A 160 0.50 -6.71 24.65
CA LEU A 160 0.73 -7.02 24.33
C LEU A 160 0.79 -7.90 23.75
C LEU A 160 1.11 -8.24 23.49
N TYR A 161 2.06 -8.26 23.61
N TYR A 161 2.41 -8.52 23.39
CA TYR A 161 2.44 -9.44 22.83
CA TYR A 161 2.86 -9.72 22.68
C TYR A 161 1.70 -10.68 23.32
C TYR A 161 2.19 -10.96 23.24
N ASP A 162 1.74 -10.93 24.63
N ASP A 162 2.23 -11.11 24.56
CA ASP A 162 1.08 -12.10 25.18
CA ASP A 162 1.56 -12.25 25.19
C ASP A 162 -0.42 -12.08 24.89
C ASP A 162 0.06 -12.23 24.92
N LYS A 163 -1.03 -10.90 24.97
N LYS A 163 -0.56 -11.05 24.97
CA LYS A 163 -2.46 -10.79 24.68
CA LYS A 163 -2.00 -10.95 24.73
C LYS A 163 -2.75 -11.05 23.21
C LYS A 163 -2.33 -11.30 23.28
N LEU A 164 -1.85 -10.60 22.33
N LEU A 164 -1.70 -10.61 22.33
CA LEU A 164 -2.02 -10.81 20.89
CA LEU A 164 -2.01 -10.82 20.91
C LEU A 164 -1.91 -12.29 20.54
C LEU A 164 -1.90 -12.29 20.55
N VAL A 165 -0.90 -12.98 21.10
CA VAL A 165 -0.74 -14.40 20.82
C VAL A 165 -1.91 -15.19 21.40
N SER A 166 -2.26 -14.93 22.66
N SER A 166 -2.27 -14.92 22.65
CA SER A 166 -3.30 -15.72 23.31
CA SER A 166 -3.30 -15.72 23.32
C SER A 166 -4.66 -15.53 22.66
C SER A 166 -4.68 -15.51 22.73
N SER A 167 -4.92 -14.34 22.12
CA SER A 167 -6.21 -14.05 21.52
C SER A 167 -6.23 -14.29 20.01
N PHE A 168 -5.12 -14.73 19.42
CA PHE A 168 -5.06 -14.85 17.97
C PHE A 168 -5.88 -16.04 17.50
N LEU A 169 -6.80 -15.77 16.58
N LEU A 169 -6.79 -15.78 16.57
CA LEU A 169 -7.65 -16.82 16.03
CA LEU A 169 -7.62 -16.84 16.04
C LEU A 169 -7.06 -17.35 14.73
C LEU A 169 -6.95 -17.46 14.81
N SER B 1 -16.50 23.74 -12.74
N SER B 1 -16.73 23.81 -12.87
CA SER B 1 -16.26 22.83 -13.88
CA SER B 1 -16.28 22.83 -13.88
C SER B 1 -16.72 21.42 -13.55
C SER B 1 -16.65 21.41 -13.47
N MET B 2 -16.77 20.59 -14.58
N MET B 2 -16.53 20.52 -14.43
CA MET B 2 -17.30 19.25 -14.50
CA MET B 2 -17.08 19.16 -14.35
C MET B 2 -16.13 18.27 -14.64
C MET B 2 -15.92 18.18 -14.47
N VAL B 3 -15.89 17.50 -13.57
N VAL B 3 -15.57 17.55 -13.35
CA VAL B 3 -14.88 16.45 -13.56
CA VAL B 3 -14.60 16.46 -13.32
C VAL B 3 -15.50 15.20 -12.95
C VAL B 3 -15.25 15.24 -12.70
N ASN B 4 -14.84 14.07 -13.17
CA ASN B 4 -15.35 12.78 -12.68
C ASN B 4 -16.85 12.64 -12.95
N SER B 5 -17.28 13.04 -14.16
CA SER B 5 -18.69 12.99 -14.52
C SER B 5 -18.92 11.71 -15.30
N PHE B 6 -18.98 10.60 -14.57
CA PHE B 6 -19.20 9.30 -15.17
C PHE B 6 -20.69 9.12 -15.44
N SER B 7 -21.00 8.59 -16.63
CA SER B 7 -22.38 8.43 -17.05
C SER B 7 -22.57 7.13 -17.81
N GLY B 8 -23.71 6.48 -17.58
N GLY B 8 -23.71 6.48 -17.58
CA GLY B 8 -24.06 5.27 -18.28
CA GLY B 8 -24.04 5.27 -18.30
C GLY B 8 -23.42 4.01 -17.78
C GLY B 8 -23.37 4.01 -17.79
N TYR B 9 -22.88 4.01 -16.55
CA TYR B 9 -22.24 2.83 -15.99
C TYR B 9 -23.26 1.94 -15.30
N LEU B 10 -23.00 0.64 -15.38
CA LEU B 10 -23.79 -0.36 -14.69
C LEU B 10 -23.10 -0.68 -13.37
N LYS B 11 -23.85 -0.65 -12.29
CA LYS B 11 -23.32 -0.94 -10.97
C LYS B 11 -23.19 -2.45 -10.79
N LEU B 12 -21.97 -2.93 -10.51
CA LEU B 12 -21.73 -4.33 -10.17
C LEU B 12 -21.72 -4.56 -8.66
N THR B 13 -20.99 -3.71 -7.94
CA THR B 13 -20.96 -3.70 -6.48
C THR B 13 -21.08 -2.25 -6.02
N ASP B 14 -21.02 -2.05 -4.70
N ASP B 14 -21.02 -2.05 -4.70
CA ASP B 14 -21.16 -0.70 -4.17
CA ASP B 14 -21.16 -0.70 -4.17
C ASP B 14 -20.11 0.24 -4.73
C ASP B 14 -20.07 0.24 -4.64
N ASN B 15 -18.94 -0.29 -5.12
CA ASN B 15 -17.83 0.55 -5.57
C ASN B 15 -17.28 0.23 -6.94
N VAL B 16 -17.81 -0.78 -7.64
CA VAL B 16 -17.31 -1.16 -8.97
C VAL B 16 -18.43 -0.98 -9.99
N TYR B 17 -18.13 -0.22 -11.04
CA TYR B 17 -19.07 0.11 -12.10
C TYR B 17 -18.43 -0.25 -13.43
N ILE B 18 -19.25 -0.51 -14.45
CA ILE B 18 -18.73 -0.98 -15.73
C ILE B 18 -19.53 -0.39 -16.88
N LYS B 19 -18.84 -0.13 -18.00
CA LYS B 19 -19.46 0.45 -19.18
C LYS B 19 -18.79 -0.08 -20.43
N ASN B 20 -19.59 -0.28 -21.48
CA ASN B 20 -19.05 -0.61 -22.80
C ASN B 20 -18.62 0.70 -23.45
N ALA B 21 -17.32 0.95 -23.51
CA ALA B 21 -16.84 2.25 -23.95
C ALA B 21 -15.35 2.17 -24.30
N ASP B 22 -14.94 3.10 -25.15
CA ASP B 22 -13.54 3.36 -25.47
C ASP B 22 -12.95 4.25 -24.38
N ILE B 23 -11.94 3.74 -23.68
CA ILE B 23 -11.42 4.42 -22.49
C ILE B 23 -10.86 5.80 -22.83
N VAL B 24 -10.31 5.99 -24.02
CA VAL B 24 -9.82 7.32 -24.42
C VAL B 24 -10.98 8.28 -24.58
N GLU B 25 -12.03 7.85 -25.31
CA GLU B 25 -13.20 8.70 -25.45
C GLU B 25 -13.86 8.97 -24.10
N GLU B 26 -13.89 7.96 -23.23
N GLU B 26 -13.90 7.95 -23.24
CA GLU B 26 -14.44 8.15 -21.89
CA GLU B 26 -14.44 8.13 -21.89
C GLU B 26 -13.64 9.17 -21.12
C GLU B 26 -13.64 9.16 -21.12
N ALA B 27 -12.32 9.05 -21.14
CA ALA B 27 -11.47 9.99 -20.40
C ALA B 27 -11.72 11.42 -20.87
N LYS B 28 -11.83 11.63 -22.18
CA LYS B 28 -12.03 12.98 -22.67
C LYS B 28 -13.39 13.54 -22.28
N LYS B 29 -14.40 12.68 -22.15
CA LYS B 29 -15.72 13.13 -21.75
C LYS B 29 -15.86 13.28 -20.24
N VAL B 30 -15.34 12.31 -19.48
CA VAL B 30 -15.55 12.25 -18.02
C VAL B 30 -14.66 13.26 -17.30
N LYS B 31 -13.49 13.53 -17.85
CA LYS B 31 -12.50 14.37 -17.20
C LYS B 31 -12.15 13.82 -15.83
N PRO B 32 -11.66 12.57 -15.75
CA PRO B 32 -11.40 11.97 -14.45
C PRO B 32 -10.15 12.54 -13.80
N THR B 33 -10.15 12.51 -12.46
CA THR B 33 -8.92 12.81 -11.74
C THR B 33 -7.83 11.81 -12.08
N VAL B 34 -8.19 10.53 -12.25
CA VAL B 34 -7.21 9.48 -12.50
C VAL B 34 -7.71 8.59 -13.61
N VAL B 35 -6.90 8.40 -14.65
CA VAL B 35 -7.07 7.31 -15.60
C VAL B 35 -5.95 6.31 -15.37
N VAL B 36 -6.32 5.03 -15.35
CA VAL B 36 -5.35 3.95 -15.18
C VAL B 36 -4.84 3.49 -16.54
N ASN B 37 -3.53 3.36 -16.65
CA ASN B 37 -2.90 2.74 -17.80
C ASN B 37 -2.52 1.30 -17.48
N ALA B 38 -2.75 0.42 -18.46
CA ALA B 38 -2.28 -0.98 -18.43
C ALA B 38 -0.83 -0.99 -18.87
N ALA B 39 0.05 -0.65 -17.94
CA ALA B 39 1.46 -0.41 -18.19
C ALA B 39 2.30 -1.68 -18.10
N ASN B 40 3.53 -1.59 -18.57
CA ASN B 40 4.58 -2.56 -18.31
C ASN B 40 5.71 -1.89 -17.54
N VAL B 41 6.67 -2.70 -17.08
CA VAL B 41 7.65 -2.21 -16.09
C VAL B 41 8.53 -1.09 -16.65
N TYR B 42 8.75 -1.07 -17.97
CA TYR B 42 9.56 -0.01 -18.57
C TYR B 42 8.72 1.11 -19.17
N LEU B 43 7.41 1.11 -18.93
CA LEU B 43 6.53 2.17 -19.41
C LEU B 43 6.71 2.39 -20.90
N LYS B 44 6.78 1.28 -21.66
CA LYS B 44 6.82 1.31 -23.11
C LYS B 44 5.40 1.08 -23.61
N HIS B 45 4.77 2.15 -24.09
CA HIS B 45 3.34 2.15 -24.34
C HIS B 45 3.06 1.77 -25.79
N GLY B 46 3.25 0.49 -26.08
N GLY B 46 3.26 0.50 -26.09
CA GLY B 46 3.19 0.01 -27.45
CA GLY B 46 3.16 0.03 -27.46
C GLY B 46 1.82 -0.40 -27.97
C GLY B 46 1.76 -0.30 -27.92
N GLY B 47 1.11 -1.26 -27.25
CA GLY B 47 -0.13 -1.83 -27.73
C GLY B 47 -1.28 -1.69 -26.76
N GLY B 48 -2.43 -2.18 -27.18
CA GLY B 48 -3.58 -2.21 -26.30
C GLY B 48 -3.89 -0.84 -25.73
N VAL B 49 -4.29 -0.85 -24.45
CA VAL B 49 -4.69 0.39 -23.78
C VAL B 49 -3.54 1.40 -23.77
N ALA B 50 -2.33 0.94 -23.44
CA ALA B 50 -1.22 1.88 -23.31
C ALA B 50 -0.94 2.57 -24.64
N GLY B 51 -0.96 1.82 -25.73
CA GLY B 51 -0.73 2.45 -27.02
C GLY B 51 -1.80 3.48 -27.34
N ALA B 52 -3.06 3.17 -27.01
CA ALA B 52 -4.14 4.09 -27.30
C ALA B 52 -4.03 5.37 -26.46
N LEU B 53 -3.75 5.22 -25.16
CA LEU B 53 -3.60 6.40 -24.31
C LEU B 53 -2.44 7.25 -24.79
N ASN B 54 -1.30 6.63 -25.07
CA ASN B 54 -0.14 7.40 -25.50
C ASN B 54 -0.42 8.12 -26.82
N LYS B 55 -1.05 7.42 -27.77
CA LYS B 55 -1.39 8.07 -29.03
C LYS B 55 -2.27 9.29 -28.81
N ALA B 56 -3.24 9.18 -27.90
CA ALA B 56 -4.12 10.32 -27.63
C ALA B 56 -3.34 11.52 -27.13
N THR B 57 -2.24 11.30 -26.41
CA THR B 57 -1.38 12.37 -25.92
C THR B 57 -0.35 12.84 -26.95
N ASN B 58 -0.44 12.35 -28.18
CA ASN B 58 0.53 12.70 -29.21
C ASN B 58 1.95 12.40 -28.77
N ASN B 59 2.13 11.27 -28.09
CA ASN B 59 3.41 10.72 -27.64
C ASN B 59 3.98 11.46 -26.42
N ALA B 60 3.29 12.46 -25.88
CA ALA B 60 3.80 13.16 -24.69
C ALA B 60 3.92 12.20 -23.51
N MET B 61 3.01 11.25 -23.39
CA MET B 61 3.08 10.28 -22.31
C MET B 61 4.36 9.46 -22.42
N GLN B 62 4.73 9.03 -23.63
CA GLN B 62 5.93 8.23 -23.78
C GLN B 62 7.18 9.02 -23.44
N VAL B 63 7.25 10.28 -23.88
CA VAL B 63 8.42 11.09 -23.57
C VAL B 63 8.56 11.26 -22.07
N GLU B 64 7.45 11.59 -21.39
CA GLU B 64 7.46 11.73 -19.94
C GLU B 64 7.85 10.41 -19.26
N SER B 65 7.35 9.30 -19.79
CA SER B 65 7.62 7.99 -19.21
C SER B 65 9.10 7.63 -19.33
N ASP B 66 9.71 7.89 -20.50
CA ASP B 66 11.12 7.57 -20.67
C ASP B 66 11.98 8.36 -19.69
N ASP B 67 11.63 9.63 -19.45
CA ASP B 67 12.34 10.42 -18.47
C ASP B 67 12.16 9.85 -17.06
N TYR B 68 10.93 9.44 -16.71
CA TYR B 68 10.71 8.80 -15.42
C TYR B 68 11.60 7.58 -15.25
N ILE B 69 11.70 6.74 -16.29
CA ILE B 69 12.50 5.53 -16.21
C ILE B 69 13.99 5.87 -16.05
N ALA B 70 14.46 6.88 -16.79
CA ALA B 70 15.87 7.26 -16.66
C ALA B 70 16.19 7.65 -15.22
N THR B 71 15.26 8.33 -14.55
CA THR B 71 15.51 8.79 -13.20
C THR B 71 15.30 7.70 -12.15
N ASN B 72 14.31 6.82 -12.36
CA ASN B 72 13.83 5.93 -11.32
C ASN B 72 14.03 4.44 -11.60
N GLY B 73 14.35 4.05 -12.82
CA GLY B 73 14.39 2.65 -13.15
C GLY B 73 13.02 2.06 -13.31
N PRO B 74 12.97 0.79 -13.71
CA PRO B 74 11.69 0.15 -14.01
C PRO B 74 10.84 -0.09 -12.76
N LEU B 75 9.54 -0.16 -12.97
CA LEU B 75 8.60 -0.55 -11.94
C LEU B 75 8.73 -2.05 -11.66
N LYS B 76 8.08 -2.49 -10.59
CA LYS B 76 7.88 -3.91 -10.29
C LYS B 76 6.53 -4.36 -10.89
N VAL B 77 6.47 -5.62 -11.33
CA VAL B 77 5.17 -6.21 -11.64
C VAL B 77 4.33 -6.18 -10.38
N GLY B 78 3.11 -5.66 -10.50
CA GLY B 78 2.25 -5.43 -9.35
C GLY B 78 2.32 -4.02 -8.80
N GLY B 79 3.28 -3.21 -9.27
CA GLY B 79 3.46 -1.85 -8.79
C GLY B 79 2.87 -0.82 -9.73
N SER B 80 3.11 0.46 -9.39
CA SER B 80 2.53 1.56 -10.13
C SER B 80 3.35 2.83 -9.92
N CYS B 81 3.09 3.82 -10.78
CA CYS B 81 3.55 5.18 -10.54
C CYS B 81 2.49 6.15 -11.05
N VAL B 82 2.48 7.34 -10.45
CA VAL B 82 1.59 8.41 -10.87
C VAL B 82 2.36 9.38 -11.75
N LEU B 83 1.87 9.62 -12.95
CA LEU B 83 2.41 10.60 -13.87
C LEU B 83 1.28 11.51 -14.34
N SER B 84 1.60 12.44 -15.24
CA SER B 84 0.58 13.35 -15.75
C SER B 84 -0.48 12.60 -16.55
N GLY B 85 -1.70 13.12 -16.50
CA GLY B 85 -2.77 12.66 -17.36
C GLY B 85 -2.92 13.40 -18.66
N HIS B 86 -2.10 14.41 -18.93
CA HIS B 86 -2.04 15.06 -20.25
C HIS B 86 -3.43 15.56 -20.62
N ASN B 87 -3.95 15.23 -21.80
CA ASN B 87 -5.27 15.65 -22.23
C ASN B 87 -6.36 14.67 -21.86
N LEU B 88 -6.05 13.71 -20.99
CA LEU B 88 -6.98 12.63 -20.62
C LEU B 88 -7.52 12.74 -19.21
N ALA B 89 -6.75 13.28 -18.27
CA ALA B 89 -7.07 13.20 -16.86
C ALA B 89 -6.12 14.12 -16.13
N LYS B 90 -6.40 14.37 -14.85
CA LYS B 90 -5.40 15.06 -14.04
C LYS B 90 -4.13 14.23 -13.96
N HIS B 91 -4.27 12.95 -13.62
CA HIS B 91 -3.15 12.04 -13.44
C HIS B 91 -3.41 10.77 -14.23
N CYS B 92 -2.33 10.14 -14.67
CA CYS B 92 -2.37 8.75 -15.14
C CYS B 92 -1.67 7.88 -14.09
N LEU B 93 -2.39 6.88 -13.59
CA LEU B 93 -1.82 5.86 -12.72
C LEU B 93 -1.39 4.69 -13.61
N HIS B 94 -0.08 4.54 -13.81
CA HIS B 94 0.47 3.45 -14.61
C HIS B 94 0.60 2.24 -13.71
N VAL B 95 -0.22 1.21 -13.93
CA VAL B 95 -0.24 0.01 -13.10
C VAL B 95 0.22 -1.18 -13.92
N VAL B 96 1.14 -1.97 -13.37
CA VAL B 96 1.68 -3.12 -14.07
C VAL B 96 1.01 -4.39 -13.53
N GLY B 97 0.07 -4.95 -14.28
CA GLY B 97 -0.44 -6.27 -13.98
C GLY B 97 0.46 -7.31 -14.59
N PRO B 98 0.37 -8.55 -14.11
CA PRO B 98 1.15 -9.63 -14.72
C PRO B 98 0.70 -9.88 -16.15
N ASN B 99 1.67 -10.14 -17.02
CA ASN B 99 1.41 -10.49 -18.40
C ASN B 99 1.55 -12.01 -18.53
N VAL B 100 0.41 -12.70 -18.58
N VAL B 100 0.41 -12.70 -18.58
CA VAL B 100 0.43 -14.16 -18.71
CA VAL B 100 0.41 -14.16 -18.72
C VAL B 100 1.06 -14.58 -20.03
C VAL B 100 1.03 -14.59 -20.04
N ASN B 101 0.88 -13.79 -21.09
CA ASN B 101 1.52 -14.08 -22.37
C ASN B 101 3.04 -14.00 -22.29
N LYS B 102 3.59 -13.40 -21.21
CA LYS B 102 5.02 -13.41 -20.95
C LYS B 102 5.40 -14.36 -19.82
N GLY B 103 4.46 -15.21 -19.37
CA GLY B 103 4.76 -16.18 -18.34
C GLY B 103 4.77 -15.63 -16.94
N GLU B 104 4.35 -14.39 -16.73
N GLU B 104 4.30 -14.41 -16.72
CA GLU B 104 4.37 -13.78 -15.41
CA GLU B 104 4.30 -13.82 -15.39
C GLU B 104 3.25 -14.33 -14.55
C GLU B 104 3.15 -14.38 -14.55
N ASP B 105 3.47 -14.31 -13.24
N ASP B 105 3.34 -14.36 -13.23
CA ASP B 105 2.59 -15.01 -12.31
CA ASP B 105 2.47 -15.09 -12.31
C ASP B 105 1.27 -14.27 -12.18
C ASP B 105 1.15 -14.34 -12.14
N ILE B 106 0.17 -14.94 -12.55
N ILE B 106 0.05 -14.97 -12.53
CA ILE B 106 -1.16 -14.37 -12.45
CA ILE B 106 -1.27 -14.38 -12.39
C ILE B 106 -1.51 -14.02 -11.01
C ILE B 106 -1.58 -14.01 -10.94
N GLN B 107 -0.84 -14.62 -10.02
N GLN B 107 -0.90 -14.63 -9.98
CA GLN B 107 -1.12 -14.33 -8.62
CA GLN B 107 -1.14 -14.32 -8.57
C GLN B 107 -0.85 -12.87 -8.28
C GLN B 107 -0.82 -12.87 -8.24
N LEU B 108 0.03 -12.21 -9.04
CA LEU B 108 0.38 -10.80 -8.81
C LEU B 108 -0.73 -9.83 -9.17
N LEU B 109 -1.83 -10.32 -9.73
CA LEU B 109 -2.92 -9.43 -10.14
C LEU B 109 -3.55 -8.74 -8.94
N LYS B 110 -3.62 -9.42 -7.80
CA LYS B 110 -4.21 -8.78 -6.63
C LYS B 110 -3.36 -7.59 -6.19
N SER B 111 -2.05 -7.78 -6.10
CA SER B 111 -1.15 -6.68 -5.76
C SER B 111 -1.33 -5.51 -6.73
N ALA B 112 -1.47 -5.80 -8.02
CA ALA B 112 -1.66 -4.74 -9.01
C ALA B 112 -2.93 -3.95 -8.71
N TYR B 113 -4.03 -4.64 -8.42
CA TYR B 113 -5.27 -3.92 -8.13
C TYR B 113 -5.21 -3.13 -6.83
N GLU B 114 -4.39 -3.57 -5.87
CA GLU B 114 -4.27 -2.82 -4.61
C GLU B 114 -3.84 -1.38 -4.85
N ASN B 115 -3.12 -1.12 -5.93
CA ASN B 115 -2.73 0.27 -6.23
C ASN B 115 -3.95 1.18 -6.37
N PHE B 116 -5.07 0.64 -6.85
CA PHE B 116 -6.25 1.47 -7.05
C PHE B 116 -6.76 2.04 -5.74
N ASN B 117 -6.51 1.37 -4.61
CA ASN B 117 -7.05 1.82 -3.33
C ASN B 117 -6.40 3.10 -2.83
N GLN B 118 -5.33 3.55 -3.46
CA GLN B 118 -4.71 4.82 -3.12
C GLN B 118 -5.40 6.02 -3.78
N HIS B 119 -6.49 5.81 -4.51
CA HIS B 119 -7.19 6.87 -5.22
C HIS B 119 -8.69 6.70 -4.99
N GLU B 120 -9.38 7.79 -4.66
CA GLU B 120 -10.78 7.65 -4.27
C GLU B 120 -11.68 7.28 -5.43
N VAL B 121 -11.33 7.70 -6.65
CA VAL B 121 -12.12 7.40 -7.85
C VAL B 121 -11.19 7.31 -9.04
N LEU B 122 -11.42 6.30 -9.89
CA LEU B 122 -10.56 6.04 -11.05
C LEU B 122 -11.40 5.57 -12.23
N LEU B 123 -10.97 5.97 -13.44
CA LEU B 123 -11.38 5.36 -14.69
C LEU B 123 -10.31 4.35 -15.07
N ALA B 124 -10.69 3.10 -15.37
CA ALA B 124 -9.69 2.07 -15.50
C ALA B 124 -10.09 1.01 -16.53
N PRO B 125 -9.11 0.32 -17.10
CA PRO B 125 -9.35 -0.94 -17.82
C PRO B 125 -9.21 -2.10 -16.84
N LEU B 126 -9.65 -3.28 -17.28
CA LEU B 126 -9.39 -4.51 -16.52
C LEU B 126 -7.92 -4.87 -16.62
N LEU B 127 -7.24 -4.97 -15.48
CA LEU B 127 -5.83 -5.26 -15.49
C LEU B 127 -5.56 -6.69 -15.96
N SER B 128 -4.44 -6.83 -16.67
CA SER B 128 -3.95 -8.09 -17.20
C SER B 128 -4.84 -8.68 -18.28
N ALA B 129 -5.89 -7.97 -18.70
CA ALA B 129 -6.77 -8.45 -19.76
C ALA B 129 -6.14 -8.19 -21.14
N GLY B 130 -6.84 -8.64 -22.17
CA GLY B 130 -6.46 -8.29 -23.53
C GLY B 130 -5.11 -8.85 -23.88
N ILE B 131 -4.22 -7.96 -24.36
CA ILE B 131 -2.89 -8.37 -24.79
C ILE B 131 -2.04 -8.91 -23.65
N PHE B 132 -2.45 -8.72 -22.39
CA PHE B 132 -1.74 -9.28 -21.26
C PHE B 132 -2.14 -10.73 -20.98
N GLY B 133 -3.23 -11.24 -21.57
CA GLY B 133 -3.48 -12.66 -21.63
C GLY B 133 -4.25 -13.28 -20.48
N ALA B 134 -4.62 -12.54 -19.44
CA ALA B 134 -5.41 -13.14 -18.38
C ALA B 134 -6.87 -13.26 -18.79
N ASP B 135 -7.60 -14.13 -18.10
CA ASP B 135 -9.03 -14.26 -18.29
C ASP B 135 -9.69 -12.98 -17.79
N PRO B 136 -10.37 -12.20 -18.63
CA PRO B 136 -11.01 -10.97 -18.12
C PRO B 136 -12.04 -11.23 -17.04
N ILE B 137 -12.71 -12.40 -17.06
CA ILE B 137 -13.65 -12.73 -16.00
C ILE B 137 -12.92 -12.81 -14.66
N HIS B 138 -11.74 -13.41 -14.65
CA HIS B 138 -10.93 -13.46 -13.45
C HIS B 138 -10.45 -12.07 -13.04
N SER B 139 -10.07 -11.25 -14.01
CA SER B 139 -9.60 -9.92 -13.67
C SER B 139 -10.70 -9.12 -12.99
N LEU B 140 -11.94 -9.23 -13.50
CA LEU B 140 -13.07 -8.57 -12.86
C LEU B 140 -13.27 -9.10 -11.44
N ARG B 141 -13.17 -10.42 -11.26
CA ARG B 141 -13.27 -11.02 -9.93
C ARG B 141 -12.26 -10.43 -8.97
N VAL B 142 -10.99 -10.39 -9.38
CA VAL B 142 -9.96 -9.84 -8.49
C VAL B 142 -10.23 -8.36 -8.23
N CYS B 143 -10.67 -7.62 -9.24
CA CYS B 143 -11.00 -6.22 -9.07
C CYS B 143 -12.06 -6.05 -7.97
N VAL B 144 -13.17 -6.76 -8.10
CA VAL B 144 -14.25 -6.62 -7.13
C VAL B 144 -13.82 -7.03 -5.74
N ASP B 145 -12.95 -8.04 -5.64
CA ASP B 145 -12.54 -8.56 -4.35
C ASP B 145 -11.37 -7.81 -3.74
N THR B 146 -10.79 -6.84 -4.46
CA THR B 146 -9.61 -6.13 -3.99
C THR B 146 -9.81 -4.63 -3.88
N VAL B 147 -10.44 -4.01 -4.88
CA VAL B 147 -10.59 -2.57 -4.90
C VAL B 147 -11.76 -2.20 -4.02
N ARG B 148 -11.54 -1.21 -3.15
CA ARG B 148 -12.58 -0.67 -2.28
C ARG B 148 -12.95 0.76 -2.62
N THR B 149 -12.09 1.48 -3.34
CA THR B 149 -12.40 2.81 -3.82
C THR B 149 -13.27 2.70 -5.08
N ASN B 150 -13.71 3.83 -5.61
CA ASN B 150 -14.71 3.82 -6.68
C ASN B 150 -14.01 3.66 -8.03
N VAL B 151 -14.24 2.52 -8.69
CA VAL B 151 -13.59 2.22 -9.95
C VAL B 151 -14.65 2.07 -11.05
N TYR B 152 -14.44 2.81 -12.13
CA TYR B 152 -15.29 2.84 -13.30
C TYR B 152 -14.53 2.15 -14.42
N LEU B 153 -14.95 0.94 -14.78
CA LEU B 153 -14.27 0.12 -15.76
C LEU B 153 -14.82 0.36 -17.15
N ALA B 154 -13.93 0.56 -18.12
CA ALA B 154 -14.29 0.73 -19.52
C ALA B 154 -13.88 -0.53 -20.27
N VAL B 155 -14.85 -1.16 -20.94
CA VAL B 155 -14.63 -2.36 -21.73
C VAL B 155 -15.01 -2.03 -23.18
N PHE B 156 -14.03 -2.12 -24.08
CA PHE B 156 -14.21 -1.66 -25.45
C PHE B 156 -15.19 -2.53 -26.24
N ASP B 157 -15.03 -3.84 -26.19
CA ASP B 157 -15.79 -4.75 -27.04
C ASP B 157 -17.12 -5.08 -26.37
N LYS B 158 -18.23 -4.71 -27.03
CA LYS B 158 -19.56 -5.00 -26.51
C LYS B 158 -19.74 -6.49 -26.18
N ASN B 159 -19.15 -7.37 -26.99
CA ASN B 159 -19.34 -8.79 -26.74
C ASN B 159 -18.61 -9.25 -25.48
N LEU B 160 -17.42 -8.68 -25.19
CA LEU B 160 -16.75 -9.00 -23.94
C LEU B 160 -17.49 -8.37 -22.77
N TYR B 161 -17.95 -7.13 -22.93
CA TYR B 161 -18.77 -6.48 -21.90
C TYR B 161 -19.95 -7.39 -21.52
N ASP B 162 -20.67 -7.89 -22.52
CA ASP B 162 -21.83 -8.74 -22.25
C ASP B 162 -21.42 -10.01 -21.50
N LYS B 163 -20.29 -10.61 -21.89
CA LYS B 163 -19.82 -11.81 -21.20
C LYS B 163 -19.49 -11.50 -19.74
N LEU B 164 -18.85 -10.36 -19.50
CA LEU B 164 -18.47 -9.99 -18.14
C LEU B 164 -19.68 -9.72 -17.27
N VAL B 165 -20.65 -8.95 -17.78
CA VAL B 165 -21.82 -8.59 -16.99
C VAL B 165 -22.71 -9.81 -16.79
N SER B 166 -22.98 -10.54 -17.86
CA SER B 166 -23.94 -11.65 -17.79
C SER B 166 -23.42 -12.76 -16.89
N SER B 167 -22.10 -12.91 -16.74
CA SER B 167 -21.54 -13.97 -15.92
C SER B 167 -21.14 -13.51 -14.52
N PHE B 168 -21.25 -12.22 -14.21
CA PHE B 168 -20.83 -11.75 -12.90
C PHE B 168 -21.75 -12.26 -11.79
N LEU B 169 -23.04 -12.40 -12.09
CA LEU B 169 -24.03 -12.82 -11.10
C LEU B 169 -25.18 -13.59 -11.74
#